data_3FH3
#
_entry.id   3FH3
#
_cell.length_a   52.808
_cell.length_b   79.628
_cell.length_c   80.078
_cell.angle_alpha   90.00
_cell.angle_beta   90.00
_cell.angle_gamma   90.00
#
_symmetry.space_group_name_H-M   'P 21 21 21'
#
loop_
_entity.id
_entity.type
_entity.pdbx_description
1 polymer 'putative ECF-type sigma factor negative effector'
2 non-polymer 'NICKEL (II) ION'
3 water water
#
_entity_poly.entity_id   1
_entity_poly.type   'polypeptide(L)'
_entity_poly.pdbx_seq_one_letter_code
;DGIYGSFENLKKHAGT(MSE)TLEAY(MSE)RFSAKLSEAKDE(MSE)GTKEYEVFTKELKKLTNAKLAYGDSNGNIDYD
ALSSEKREE(MSE)KKVS(MSE)GLQPYFDKLNGHKSSKEVLTQEEFDRY(MSE)EAL(MSE)THEIVRVKTKSTGAIKV
EEIPEAYKERFIKAEQF(MSE)EYVDEKVR
;
_entity_poly.pdbx_strand_id   A,B
#
loop_
_chem_comp.id
_chem_comp.type
_chem_comp.name
_chem_comp.formula
NI non-polymer 'NICKEL (II) ION' 'Ni 2'
#
# COMPACT_ATOMS: atom_id res chain seq x y z
N LYS A 12 -1.01 10.11 -16.90
CA LYS A 12 -1.71 9.11 -17.70
C LYS A 12 -2.93 8.61 -16.93
N HIS A 13 -2.97 7.29 -16.74
CA HIS A 13 -4.01 6.66 -15.94
C HIS A 13 -3.60 6.55 -14.46
N ALA A 14 -3.64 7.69 -13.79
CA ALA A 14 -3.12 7.83 -12.44
C ALA A 14 -3.96 7.03 -11.47
N GLY A 15 -5.22 6.85 -11.83
CA GLY A 15 -6.12 6.05 -11.03
C GLY A 15 -5.68 4.60 -11.02
N THR A 16 -5.48 4.02 -12.20
CA THR A 16 -5.10 2.63 -12.20
C THR A 16 -3.70 2.51 -11.64
N MSE A 17 -2.84 3.49 -11.91
CA MSE A 17 -1.49 3.43 -11.35
C MSE A 17 -1.52 3.39 -9.81
O MSE A 17 -0.61 2.88 -9.17
CB MSE A 17 -0.61 4.58 -11.85
CG MSE A 17 -0.12 4.47 -13.30
SE MSE A 17 1.04 5.97 -13.84
CE MSE A 17 -0.29 7.39 -14.06
N THR A 18 -2.58 3.93 -9.21
CA THR A 18 -2.69 3.95 -7.75
C THR A 18 -2.92 2.54 -7.26
N LEU A 19 -3.79 1.80 -7.96
CA LEU A 19 -4.07 0.41 -7.61
C LEU A 19 -2.85 -0.48 -7.80
N GLU A 20 -2.15 -0.28 -8.92
CA GLU A 20 -0.92 -1.00 -9.18
C GLU A 20 0.14 -0.77 -8.10
N ALA A 21 0.24 0.46 -7.62
CA ALA A 21 1.22 0.70 -6.58
C ALA A 21 0.80 -0.12 -5.36
N TYR A 22 -0.50 -0.21 -5.09
CA TYR A 22 -0.92 -0.87 -3.88
C TYR A 22 -0.62 -2.37 -4.02
N MSE A 23 -0.76 -2.86 -5.24
CA MSE A 23 -0.56 -4.27 -5.54
CA MSE A 23 -0.56 -4.27 -5.49
C MSE A 23 0.92 -4.68 -5.40
O MSE A 23 1.23 -5.74 -4.88
CB MSE A 23 -1.10 -4.60 -6.93
CB MSE A 23 -1.24 -4.67 -6.80
CG MSE A 23 -0.05 -4.54 -8.01
CG MSE A 23 -2.77 -4.60 -6.67
SE MSE A 23 0.51 -6.31 -8.58
SE MSE A 23 -3.74 -4.46 -8.36
CE MSE A 23 -1.06 -6.66 -9.75
CE MSE A 23 -2.78 -5.85 -9.38
N ARG A 24 1.83 -3.83 -5.87
CA ARG A 24 3.26 -4.07 -5.60
C ARG A 24 3.54 -4.10 -4.10
N PHE A 25 2.86 -3.24 -3.33
CA PHE A 25 3.01 -3.32 -1.90
C PHE A 25 2.53 -4.69 -1.36
N SER A 26 1.35 -5.15 -1.82
CA SER A 26 0.76 -6.46 -1.43
C SER A 26 1.73 -7.59 -1.71
N ALA A 27 2.22 -7.60 -2.95
CA ALA A 27 3.20 -8.57 -3.39
C ALA A 27 4.40 -8.58 -2.46
N LYS A 28 4.90 -7.40 -2.11
CA LYS A 28 6.13 -7.35 -1.31
C LYS A 28 5.85 -7.85 0.12
N LEU A 29 4.67 -7.51 0.61
CA LEU A 29 4.25 -7.88 1.93
C LEU A 29 4.12 -9.39 2.01
N SER A 30 3.57 -9.99 0.95
CA SER A 30 3.31 -11.43 0.95
C SER A 30 4.59 -12.24 0.99
N GLU A 31 5.69 -11.68 0.52
CA GLU A 31 6.98 -12.32 0.62
C GLU A 31 7.37 -12.66 2.07
N ALA A 32 6.84 -11.95 3.04
CA ALA A 32 7.14 -12.28 4.42
C ALA A 32 6.73 -13.71 4.76
N LYS A 33 5.73 -14.24 4.06
CA LYS A 33 5.29 -15.62 4.31
C LYS A 33 6.40 -16.62 4.04
N ASP A 34 7.38 -16.23 3.23
CA ASP A 34 8.48 -17.12 2.99
C ASP A 34 9.21 -17.46 4.26
N GLU A 35 9.13 -16.57 5.25
CA GLU A 35 10.00 -16.68 6.42
C GLU A 35 9.20 -16.75 7.71
N MSE A 36 7.90 -16.56 7.59
CA MSE A 36 7.02 -16.56 8.76
C MSE A 36 5.88 -17.51 8.51
O MSE A 36 5.23 -17.41 7.45
CB MSE A 36 6.38 -15.18 8.95
CG MSE A 36 7.35 -14.10 9.28
SE MSE A 36 6.48 -12.36 9.60
CE MSE A 36 8.21 -11.54 9.95
N GLY A 37 5.58 -18.35 9.50
CA GLY A 37 4.39 -19.18 9.54
C GLY A 37 3.14 -18.33 9.66
N THR A 38 1.98 -18.95 9.53
CA THR A 38 0.81 -18.09 9.40
C THR A 38 0.48 -17.36 10.71
N LYS A 39 0.82 -17.97 11.85
N LYS A 39 0.84 -17.96 11.85
CA LYS A 39 0.56 -17.34 13.15
CA LYS A 39 0.55 -17.33 13.13
C LYS A 39 1.35 -16.05 13.31
C LYS A 39 1.35 -16.05 13.31
N GLU A 40 2.64 -16.13 13.01
CA GLU A 40 3.53 -15.01 13.12
C GLU A 40 3.19 -13.93 12.06
N TYR A 41 2.84 -14.37 10.85
CA TYR A 41 2.50 -13.46 9.79
C TYR A 41 1.26 -12.68 10.16
N GLU A 42 0.30 -13.34 10.79
CA GLU A 42 -0.91 -12.59 11.17
C GLU A 42 -0.65 -11.54 12.25
N VAL A 43 0.21 -11.86 13.20
CA VAL A 43 0.58 -10.85 14.19
C VAL A 43 1.32 -9.67 13.55
N PHE A 44 2.30 -9.98 12.73
CA PHE A 44 3.02 -9.00 11.95
C PHE A 44 2.09 -8.09 11.17
N THR A 45 1.23 -8.63 10.31
CA THR A 45 0.36 -7.75 9.50
C THR A 45 -0.62 -6.94 10.37
N LYS A 46 -1.09 -7.53 11.46
CA LYS A 46 -1.92 -6.75 12.41
C LYS A 46 -1.22 -5.50 13.01
N GLU A 47 0.03 -5.66 13.47
CA GLU A 47 0.85 -4.53 13.89
C GLU A 47 1.23 -3.55 12.75
N LEU A 48 1.58 -4.09 11.59
CA LEU A 48 1.90 -3.23 10.47
C LEU A 48 0.71 -2.33 10.09
N LYS A 49 -0.51 -2.87 10.19
CA LYS A 49 -1.68 -2.11 9.83
C LYS A 49 -1.76 -0.85 10.68
N LYS A 50 -1.35 -0.93 11.94
CA LYS A 50 -1.32 0.26 12.77
C LYS A 50 -0.39 1.31 12.17
N LEU A 51 0.79 0.87 11.75
CA LEU A 51 1.76 1.81 11.21
C LEU A 51 1.23 2.40 9.90
N THR A 52 0.72 1.56 9.02
CA THR A 52 0.18 2.06 7.74
C THR A 52 -1.05 2.94 7.85
N ASN A 53 -1.97 2.64 8.77
CA ASN A 53 -3.07 3.56 9.00
C ASN A 53 -2.54 4.90 9.50
N ALA A 54 -1.41 4.90 10.22
CA ALA A 54 -0.88 6.16 10.73
C ALA A 54 -0.29 6.95 9.58
N LYS A 55 0.36 6.27 8.64
CA LYS A 55 0.87 6.97 7.45
C LYS A 55 -0.24 7.59 6.59
N LEU A 56 -1.34 6.86 6.40
CA LEU A 56 -2.53 7.45 5.76
C LEU A 56 -2.99 8.72 6.49
N ALA A 57 -3.16 8.62 7.81
CA ALA A 57 -3.74 9.73 8.58
C ALA A 57 -2.79 10.91 8.73
N TYR A 58 -1.52 10.60 9.00
CA TYR A 58 -0.57 11.64 9.41
C TYR A 58 0.61 11.83 8.45
N GLY A 59 0.82 10.94 7.48
CA GLY A 59 1.99 11.09 6.66
C GLY A 59 1.93 12.31 5.79
N ASP A 60 3.08 12.83 5.36
CA ASP A 60 3.10 13.89 4.35
C ASP A 60 2.79 13.23 3.01
N SER A 61 3.13 13.90 1.90
CA SER A 61 2.72 13.44 0.60
C SER A 61 3.42 12.14 0.25
N ASN A 62 4.40 11.76 1.08
CA ASN A 62 5.15 10.53 0.88
C ASN A 62 4.94 9.52 2.00
N GLY A 63 3.93 9.76 2.84
CA GLY A 63 3.65 8.84 3.92
C GLY A 63 4.65 8.95 5.05
N ASN A 64 5.53 9.96 5.03
CA ASN A 64 6.42 10.14 6.18
C ASN A 64 5.73 10.94 7.27
N ILE A 65 5.90 10.53 8.52
CA ILE A 65 5.16 11.16 9.61
C ILE A 65 6.05 12.11 10.40
N ASP A 66 5.58 13.33 10.64
CA ASP A 66 6.32 14.28 11.48
C ASP A 66 6.00 14.01 12.93
N TYR A 67 6.69 13.03 13.50
CA TYR A 67 6.40 12.58 14.87
C TYR A 67 6.37 13.71 15.92
N ASP A 68 7.20 14.72 15.73
CA ASP A 68 7.27 15.85 16.65
C ASP A 68 5.98 16.69 16.68
N ALA A 69 5.23 16.66 15.59
CA ALA A 69 3.99 17.41 15.52
C ALA A 69 2.79 16.67 16.12
N LEU A 70 2.99 15.44 16.59
CA LEU A 70 1.91 14.69 17.21
C LEU A 70 1.79 15.09 18.68
N SER A 71 0.60 14.95 19.22
CA SER A 71 0.38 15.08 20.66
C SER A 71 1.29 14.13 21.46
N SER A 72 1.52 14.46 22.70
CA SER A 72 2.37 13.67 23.57
C SER A 72 1.96 12.19 23.65
N GLU A 73 0.67 11.94 23.56
CA GLU A 73 0.12 10.60 23.69
C GLU A 73 0.27 9.86 22.36
N LYS A 74 -0.22 10.45 21.28
CA LYS A 74 -0.10 9.84 19.98
C LYS A 74 1.34 9.55 19.61
N ARG A 75 2.28 10.44 19.90
CA ARG A 75 3.69 10.13 19.63
C ARG A 75 4.11 8.89 20.40
N GLU A 76 3.75 8.80 21.68
CA GLU A 76 4.15 7.64 22.48
C GLU A 76 3.53 6.34 21.93
N GLU A 77 2.25 6.41 21.60
CA GLU A 77 1.58 5.28 20.96
C GLU A 77 2.32 4.85 19.67
N MSE A 78 2.66 5.81 18.82
CA MSE A 78 3.30 5.48 17.55
C MSE A 78 4.65 4.86 17.83
O MSE A 78 5.07 3.94 17.11
CB MSE A 78 3.45 6.72 16.65
CG MSE A 78 2.20 7.06 15.86
SE MSE A 78 1.08 5.45 15.56
CE MSE A 78 -0.60 6.33 15.09
N LYS A 79 5.29 5.29 18.89
CA LYS A 79 6.57 4.74 19.29
C LYS A 79 6.49 3.28 19.76
N LYS A 80 5.52 3.00 20.59
CA LYS A 80 5.28 1.62 20.97
C LYS A 80 5.03 0.69 19.76
N VAL A 81 4.22 1.14 18.80
CA VAL A 81 3.96 0.41 17.55
C VAL A 81 5.28 0.10 16.86
N SER A 82 6.16 1.09 16.77
CA SER A 82 7.43 0.88 16.09
C SER A 82 8.33 -0.12 16.86
N MSE A 83 8.30 -0.02 18.18
CA MSE A 83 9.08 -0.94 19.01
C MSE A 83 8.55 -2.34 18.83
O MSE A 83 9.31 -3.31 18.76
CB MSE A 83 8.99 -0.53 20.46
CG MSE A 83 9.25 0.92 20.68
SE MSE A 83 9.53 1.32 22.59
CE MSE A 83 8.12 0.21 23.37
N GLY A 84 7.23 -2.45 18.72
CA GLY A 84 6.58 -3.71 18.45
C GLY A 84 6.95 -4.34 17.12
N LEU A 85 7.14 -3.53 16.09
CA LEU A 85 7.43 -4.04 14.74
C LEU A 85 8.90 -4.28 14.47
N GLN A 86 9.77 -3.60 15.21
CA GLN A 86 11.19 -3.70 14.91
C GLN A 86 11.74 -5.13 14.79
N PRO A 87 11.34 -6.05 15.69
CA PRO A 87 11.77 -7.46 15.55
C PRO A 87 11.36 -8.14 14.24
N TYR A 88 10.16 -7.86 13.73
CA TYR A 88 9.78 -8.39 12.44
C TYR A 88 10.63 -7.82 11.31
N PHE A 89 10.84 -6.51 11.32
CA PHE A 89 11.69 -5.89 10.30
C PHE A 89 13.09 -6.45 10.32
N ASP A 90 13.66 -6.56 11.52
CA ASP A 90 15.00 -7.11 11.67
C ASP A 90 15.02 -8.53 11.07
N LYS A 91 13.98 -9.31 11.33
CA LYS A 91 14.00 -10.70 10.85
C LYS A 91 13.90 -10.71 9.30
N LEU A 92 13.00 -9.92 8.74
CA LEU A 92 12.86 -9.89 7.29
C LEU A 92 14.06 -9.23 6.58
N ASN A 93 14.85 -8.46 7.34
CA ASN A 93 16.07 -7.84 6.79
C ASN A 93 17.29 -8.74 6.96
N GLY A 94 17.07 -9.90 7.56
CA GLY A 94 18.16 -10.81 7.80
C GLY A 94 19.08 -10.33 8.90
N HIS A 95 18.55 -9.54 9.83
CA HIS A 95 19.43 -9.08 10.88
C HIS A 95 19.10 -9.73 12.24
N LYS A 96 20.04 -9.66 13.17
CA LYS A 96 19.77 -9.99 14.55
C LYS A 96 18.71 -9.04 15.07
N SER A 97 18.04 -9.43 16.14
CA SER A 97 16.99 -8.60 16.73
C SER A 97 17.59 -7.42 17.49
N SER A 98 17.33 -6.21 17.01
CA SER A 98 17.87 -5.06 17.71
C SER A 98 17.34 -5.00 19.14
N LYS A 99 16.07 -5.36 19.33
CA LYS A 99 15.50 -5.36 20.66
C LYS A 99 16.25 -6.32 21.62
N GLU A 100 16.95 -7.30 21.06
CA GLU A 100 17.72 -8.22 21.90
C GLU A 100 19.15 -7.75 22.07
N VAL A 101 19.77 -7.28 20.99
CA VAL A 101 21.17 -6.85 21.09
C VAL A 101 21.38 -5.53 21.85
N LEU A 102 20.41 -4.63 21.81
CA LEU A 102 20.61 -3.35 22.45
C LEU A 102 20.10 -3.39 23.88
N THR A 103 20.68 -2.55 24.74
CA THR A 103 20.15 -2.34 26.08
C THR A 103 18.81 -1.66 25.94
N GLN A 104 18.01 -1.68 26.99
CA GLN A 104 16.73 -0.98 26.95
C GLN A 104 16.91 0.50 26.58
N GLU A 105 17.83 1.17 27.27
CA GLU A 105 18.16 2.55 26.98
C GLU A 105 18.46 2.72 25.50
N GLU A 106 19.37 1.90 25.00
CA GLU A 106 19.79 2.04 23.61
C GLU A 106 18.66 1.78 22.63
N PHE A 107 17.76 0.87 22.99
CA PHE A 107 16.70 0.48 22.11
C PHE A 107 15.77 1.68 21.93
N ASP A 108 15.55 2.40 23.03
CA ASP A 108 14.77 3.63 23.00
C ASP A 108 15.41 4.72 22.14
N ARG A 109 16.73 4.91 22.31
CA ARG A 109 17.45 5.86 21.49
C ARG A 109 17.39 5.50 20.01
N TYR A 110 17.38 4.20 19.74
CA TYR A 110 17.25 3.71 18.38
C TYR A 110 15.89 4.12 17.77
N MSE A 111 14.81 4.02 18.54
CA MSE A 111 13.51 4.37 18.00
C MSE A 111 13.48 5.89 17.73
O MSE A 111 12.95 6.36 16.70
CB MSE A 111 12.38 3.96 18.95
CG MSE A 111 12.23 2.42 19.20
SE MSE A 111 11.83 1.41 17.57
CE MSE A 111 13.63 0.95 17.07
N GLU A 112 14.05 6.66 18.66
CA GLU A 112 14.16 8.10 18.48
C GLU A 112 14.93 8.42 17.21
N ALA A 113 16.04 7.71 16.99
CA ALA A 113 16.87 7.96 15.83
C ALA A 113 16.08 7.66 14.56
N LEU A 114 15.31 6.60 14.58
CA LEU A 114 14.48 6.30 13.44
C LEU A 114 13.43 7.40 13.22
N MSE A 115 12.83 7.89 14.29
CA MSE A 115 11.79 8.88 14.13
C MSE A 115 12.38 10.20 13.63
O MSE A 115 11.78 10.90 12.80
CB MSE A 115 11.08 9.09 15.46
CG MSE A 115 10.30 7.86 15.84
SE MSE A 115 9.71 7.95 17.69
CE MSE A 115 7.90 8.56 17.36
N THR A 116 13.56 10.53 14.12
CA THR A 116 14.29 11.71 13.68
C THR A 116 14.54 11.67 12.19
N HIS A 117 15.02 10.52 11.72
CA HIS A 117 15.26 10.33 10.30
C HIS A 117 13.99 10.56 9.50
N GLU A 118 12.86 10.00 9.94
CA GLU A 118 11.60 10.19 9.23
C GLU A 118 11.15 11.66 9.25
N ILE A 119 11.29 12.29 10.41
CA ILE A 119 10.95 13.70 10.54
C ILE A 119 11.75 14.53 9.54
N VAL A 120 13.03 14.23 9.43
CA VAL A 120 13.86 14.94 8.47
C VAL A 120 13.47 14.68 7.02
N ARG A 121 12.92 13.51 6.73
CA ARG A 121 12.42 13.27 5.38
C ARG A 121 11.25 14.19 5.11
N VAL A 122 10.46 14.47 6.13
CA VAL A 122 9.35 15.38 5.95
C VAL A 122 9.88 16.81 5.70
N LYS A 123 10.80 17.26 6.56
CA LYS A 123 11.34 18.60 6.46
C LYS A 123 12.07 18.84 5.14
N THR A 124 12.72 17.82 4.59
CA THR A 124 13.44 18.02 3.33
C THR A 124 12.58 17.63 2.16
N LYS A 125 11.42 17.07 2.45
CA LYS A 125 10.58 16.52 1.40
C LYS A 125 11.34 15.55 0.45
N SER A 126 12.26 14.76 0.98
CA SER A 126 13.09 13.92 0.12
C SER A 126 13.01 12.43 0.46
N THR A 127 12.78 11.62 -0.57
CA THR A 127 12.66 10.18 -0.40
C THR A 127 13.99 9.49 -0.65
N GLY A 128 14.93 10.23 -1.20
CA GLY A 128 16.23 9.67 -1.50
C GLY A 128 17.22 9.76 -0.35
N ALA A 129 18.48 9.87 -0.70
CA ALA A 129 19.51 10.10 0.31
C ALA A 129 19.51 11.58 0.70
N ILE A 130 19.07 11.83 1.93
CA ILE A 130 19.08 13.17 2.52
C ILE A 130 20.47 13.77 2.47
N LYS A 131 20.53 15.06 2.16
CA LYS A 131 21.77 15.81 2.11
C LYS A 131 21.69 16.93 3.13
N VAL A 132 22.64 16.98 4.07
CA VAL A 132 22.51 17.84 5.24
C VAL A 132 22.31 19.30 4.89
N GLU A 133 22.71 19.69 3.68
CA GLU A 133 22.55 21.05 3.22
C GLU A 133 21.08 21.48 3.24
N GLU A 134 20.21 20.59 2.78
CA GLU A 134 18.80 20.89 2.62
C GLU A 134 18.04 20.86 3.95
N ILE A 135 18.65 20.27 4.97
CA ILE A 135 18.00 20.12 6.28
C ILE A 135 17.88 21.44 7.00
N PRO A 136 16.67 21.77 7.46
CA PRO A 136 16.53 23.03 8.21
C PRO A 136 17.43 23.03 9.42
N GLU A 137 17.91 24.19 9.81
CA GLU A 137 18.93 24.26 10.85
C GLU A 137 18.46 23.70 12.18
N ALA A 138 17.16 23.73 12.46
CA ALA A 138 16.68 23.16 13.71
C ALA A 138 16.96 21.64 13.83
N TYR A 139 17.21 20.97 12.70
CA TYR A 139 17.29 19.49 12.68
C TYR A 139 18.66 18.94 12.29
N LYS A 140 19.60 19.83 11.99
CA LYS A 140 20.89 19.39 11.45
C LYS A 140 21.73 18.56 12.43
N GLU A 141 21.90 19.05 13.67
CA GLU A 141 22.68 18.32 14.67
C GLU A 141 21.98 17.04 15.06
N ARG A 142 20.67 17.17 15.28
CA ARG A 142 19.86 16.04 15.68
C ARG A 142 19.97 14.91 14.67
N PHE A 143 19.88 15.29 13.40
CA PHE A 143 20.01 14.32 12.31
C PHE A 143 21.37 13.64 12.33
N ILE A 144 22.43 14.42 12.34
CA ILE A 144 23.79 13.89 12.29
C ILE A 144 24.05 12.87 13.39
N LYS A 145 23.64 13.20 14.61
CA LYS A 145 23.73 12.25 15.69
C LYS A 145 22.87 11.03 15.45
N ALA A 146 21.62 11.25 15.02
CA ALA A 146 20.73 10.12 14.74
C ALA A 146 21.38 9.20 13.73
N GLU A 147 22.01 9.77 12.71
CA GLU A 147 22.62 8.94 11.69
C GLU A 147 23.77 8.15 12.29
N GLN A 148 24.59 8.80 13.10
CA GLN A 148 25.70 8.10 13.77
C GLN A 148 25.20 6.93 14.62
N PHE A 149 24.20 7.18 15.46
CA PHE A 149 23.66 6.13 16.31
C PHE A 149 23.08 4.92 15.52
N MSE A 150 22.52 5.20 14.34
CA MSE A 150 21.96 4.13 13.49
C MSE A 150 23.03 3.24 12.87
O MSE A 150 22.82 2.04 12.70
CB MSE A 150 21.06 4.71 12.41
CG MSE A 150 19.62 4.97 12.88
SE MSE A 150 18.69 6.37 11.86
CE MSE A 150 18.38 5.33 10.24
N GLU A 151 24.18 3.81 12.53
CA GLU A 151 25.28 3.01 12.00
C GLU A 151 25.89 2.10 13.07
N TYR A 152 25.92 2.60 14.30
CA TYR A 152 26.39 1.83 15.44
C TYR A 152 25.45 0.66 15.73
N VAL A 153 24.15 0.92 15.68
CA VAL A 153 23.19 -0.15 15.88
C VAL A 153 23.31 -1.12 14.72
N ASP A 154 23.48 -0.57 13.53
CA ASP A 154 23.65 -1.38 12.33
C ASP A 154 24.81 -2.38 12.44
N GLU A 155 25.93 -1.93 12.99
CA GLU A 155 27.09 -2.81 13.12
C GLU A 155 26.80 -3.94 14.10
N LYS A 156 25.91 -3.69 15.07
CA LYS A 156 25.62 -4.69 16.09
C LYS A 156 24.58 -5.76 15.70
N VAL A 157 23.92 -5.56 14.58
CA VAL A 157 22.96 -6.52 14.05
C VAL A 157 23.17 -6.60 12.54
N LYS B 12 17.55 -8.98 0.18
CA LYS B 12 18.31 -8.01 0.94
C LYS B 12 17.51 -7.64 2.19
N HIS B 13 17.22 -6.35 2.30
CA HIS B 13 16.44 -5.82 3.40
C HIS B 13 14.97 -5.75 3.01
N ALA B 14 14.35 -6.91 3.02
CA ALA B 14 13.01 -7.09 2.48
C ALA B 14 12.01 -6.46 3.41
N GLY B 15 12.43 -6.28 4.66
CA GLY B 15 11.58 -5.63 5.64
C GLY B 15 11.43 -4.15 5.32
N THR B 16 12.56 -3.49 5.13
CA THR B 16 12.48 -2.09 4.82
C THR B 16 11.90 -1.91 3.42
N MSE B 17 12.23 -2.80 2.50
CA MSE B 17 11.61 -2.71 1.18
C MSE B 17 10.08 -2.78 1.24
O MSE B 17 9.39 -2.22 0.37
CB MSE B 17 12.15 -3.78 0.21
CG MSE B 17 13.60 -3.57 -0.27
SE MSE B 17 14.19 -4.99 -1.51
CE MSE B 17 14.55 -6.42 -0.26
N THR B 18 9.56 -3.43 2.26
CA THR B 18 8.10 -3.54 2.42
C THR B 18 7.51 -2.20 2.75
N LEU B 19 8.17 -1.47 3.67
CA LEU B 19 7.76 -0.12 4.04
C LEU B 19 7.87 0.87 2.87
N GLU B 20 8.98 0.81 2.14
CA GLU B 20 9.16 1.62 0.95
C GLU B 20 8.09 1.37 -0.10
N ALA B 21 7.64 0.13 -0.23
CA ALA B 21 6.60 -0.10 -1.22
C ALA B 21 5.34 0.57 -0.74
N TYR B 22 5.06 0.47 0.55
CA TYR B 22 3.84 1.09 1.05
C TYR B 22 3.87 2.61 0.84
N MSE B 23 5.05 3.19 1.00
CA MSE B 23 5.19 4.64 0.84
C MSE B 23 5.06 5.14 -0.61
O MSE B 23 4.50 6.20 -0.84
CB MSE B 23 6.47 5.12 1.49
CG MSE B 23 6.42 5.02 3.01
SE MSE B 23 8.22 5.11 3.73
CE MSE B 23 8.73 6.90 2.94
N ARG B 24 5.57 4.38 -1.56
CA ARG B 24 5.25 4.66 -2.97
C ARG B 24 3.75 4.62 -3.22
N PHE B 25 3.07 3.65 -2.63
CA PHE B 25 1.62 3.70 -2.66
C PHE B 25 1.04 5.01 -2.06
N SER B 26 1.54 5.41 -0.88
CA SER B 26 1.08 6.61 -0.18
C SER B 26 1.24 7.81 -1.07
N ALA B 27 2.45 7.96 -1.61
CA ALA B 27 2.79 9.03 -2.52
C ALA B 27 1.84 9.06 -3.69
N LYS B 28 1.54 7.89 -4.27
CA LYS B 28 0.74 7.87 -5.49
C LYS B 28 -0.70 8.24 -5.17
N LEU B 29 -1.16 7.75 -4.05
CA LEU B 29 -2.51 8.04 -3.60
C LEU B 29 -2.69 9.55 -3.28
N SER B 30 -1.67 10.18 -2.70
CA SER B 30 -1.76 11.61 -2.35
C SER B 30 -1.86 12.49 -3.58
N GLU B 31 -1.39 12.01 -4.72
CA GLU B 31 -1.51 12.78 -5.96
C GLU B 31 -2.97 13.05 -6.31
N ALA B 32 -3.87 12.18 -5.87
CA ALA B 32 -5.28 12.42 -6.10
C ALA B 32 -5.72 13.83 -5.57
N LYS B 33 -5.02 14.37 -4.58
CA LYS B 33 -5.37 15.69 -4.01
C LYS B 33 -5.18 16.77 -5.07
N ASP B 34 -4.39 16.48 -6.08
CA ASP B 34 -4.19 17.45 -7.14
C ASP B 34 -5.50 17.78 -7.85
N GLU B 35 -6.41 16.81 -7.85
CA GLU B 35 -7.64 16.94 -8.62
C GLU B 35 -8.92 16.88 -7.79
N MSE B 36 -8.79 16.69 -6.48
CA MSE B 36 -9.95 16.50 -5.62
C MSE B 36 -9.72 17.35 -4.42
O MSE B 36 -8.64 17.28 -3.85
CB MSE B 36 -10.00 15.06 -5.09
CG MSE B 36 -10.29 14.00 -6.11
SE MSE B 36 -10.41 12.18 -5.36
CE MSE B 36 -10.81 11.36 -7.10
N GLY B 37 -10.77 18.09 -4.04
CA GLY B 37 -10.78 18.86 -2.80
C GLY B 37 -10.80 17.91 -1.62
N THR B 38 -10.65 18.43 -0.40
CA THR B 38 -10.47 17.50 0.70
C THR B 38 -11.74 16.70 1.00
N LYS B 39 -12.92 17.23 0.72
CA LYS B 39 -14.09 16.44 1.06
C LYS B 39 -14.18 15.21 0.16
N GLU B 40 -14.02 15.43 -1.14
CA GLU B 40 -14.07 14.38 -2.14
C GLU B 40 -12.94 13.37 -1.91
N TYR B 41 -11.73 13.84 -1.63
CA TYR B 41 -10.63 12.93 -1.31
C TYR B 41 -10.92 12.08 -0.10
N GLU B 42 -11.53 12.64 0.93
CA GLU B 42 -11.86 11.83 2.08
C GLU B 42 -12.88 10.73 1.76
N VAL B 43 -13.85 11.02 0.90
CA VAL B 43 -14.82 9.98 0.54
C VAL B 43 -14.11 8.87 -0.27
N PHE B 44 -13.31 9.28 -1.23
CA PHE B 44 -12.51 8.39 -2.04
C PHE B 44 -11.63 7.47 -1.20
N THR B 45 -10.79 8.04 -0.35
CA THR B 45 -9.93 7.18 0.47
C THR B 45 -10.73 6.25 1.40
N LYS B 46 -11.86 6.74 1.92
CA LYS B 46 -12.74 5.88 2.72
C LYS B 46 -13.21 4.63 1.89
N GLU B 47 -13.69 4.87 0.67
CA GLU B 47 -14.10 3.78 -0.23
C GLU B 47 -12.96 2.88 -0.68
N LEU B 48 -11.82 3.51 -0.96
CA LEU B 48 -10.66 2.75 -1.37
C LEU B 48 -10.17 1.83 -0.23
N LYS B 49 -10.26 2.28 1.03
CA LYS B 49 -9.85 1.42 2.15
C LYS B 49 -10.62 0.10 2.15
N LYS B 50 -11.89 0.13 1.80
CA LYS B 50 -12.66 -1.09 1.66
C LYS B 50 -12.03 -2.07 0.68
N LEU B 51 -11.61 -1.55 -0.45
CA LEU B 51 -11.05 -2.40 -1.50
C LEU B 51 -9.72 -2.90 -1.01
N THR B 52 -8.88 -2.01 -0.47
CA THR B 52 -7.55 -2.45 -0.01
C THR B 52 -7.62 -3.44 1.15
N ASN B 53 -8.55 -3.26 2.09
CA ASN B 53 -8.71 -4.26 3.14
C ASN B 53 -9.15 -5.62 2.55
N ALA B 54 -9.83 -5.59 1.40
CA ALA B 54 -10.27 -6.86 0.81
C ALA B 54 -9.09 -7.54 0.13
N LYS B 55 -8.20 -6.77 -0.50
CA LYS B 55 -6.97 -7.33 -1.06
C LYS B 55 -6.07 -7.96 0.03
N LEU B 56 -5.92 -7.28 1.15
CA LEU B 56 -5.22 -7.85 2.29
C LEU B 56 -5.85 -9.20 2.72
N ALA B 57 -7.16 -9.22 2.92
CA ALA B 57 -7.81 -10.42 3.44
C ALA B 57 -7.91 -11.55 2.40
N TYR B 58 -8.22 -11.21 1.16
CA TYR B 58 -8.58 -12.20 0.15
C TYR B 58 -7.64 -12.24 -1.07
N GLY B 59 -6.74 -11.28 -1.22
CA GLY B 59 -5.91 -11.27 -2.42
C GLY B 59 -5.01 -12.49 -2.44
N ASP B 60 -4.59 -12.93 -3.63
CA ASP B 60 -3.48 -13.87 -3.77
C ASP B 60 -2.18 -13.16 -3.40
N SER B 61 -1.05 -13.71 -3.81
CA SER B 61 0.24 -13.18 -3.41
C SER B 61 0.50 -11.81 -4.02
N ASN B 62 -0.33 -11.44 -4.99
CA ASN B 62 -0.25 -10.13 -5.64
C ASN B 62 -1.43 -9.23 -5.31
N GLY B 63 -2.21 -9.59 -4.29
CA GLY B 63 -3.38 -8.82 -3.93
C GLY B 63 -4.54 -8.90 -4.91
N ASN B 64 -4.45 -9.74 -5.94
CA ASN B 64 -5.62 -10.00 -6.80
C ASN B 64 -6.61 -10.95 -6.12
N ILE B 65 -7.89 -10.60 -6.20
CA ILE B 65 -8.94 -11.35 -5.51
C ILE B 65 -9.66 -12.29 -6.47
N ASP B 66 -9.90 -13.52 -6.03
CA ASP B 66 -10.67 -14.47 -6.85
C ASP B 66 -12.12 -14.32 -6.49
N TYR B 67 -12.79 -13.39 -7.15
CA TYR B 67 -14.15 -13.05 -6.79
C TYR B 67 -15.12 -14.23 -6.84
N ASP B 68 -14.91 -15.14 -7.79
CA ASP B 68 -15.73 -16.35 -7.89
C ASP B 68 -15.69 -17.22 -6.65
N ALA B 69 -14.59 -17.18 -5.91
CA ALA B 69 -14.43 -18.01 -4.70
C ALA B 69 -15.05 -17.38 -3.44
N LEU B 70 -15.64 -16.20 -3.57
CA LEU B 70 -16.30 -15.57 -2.46
C LEU B 70 -17.72 -16.06 -2.37
N SER B 71 -18.26 -16.07 -1.15
CA SER B 71 -19.68 -16.32 -0.90
C SER B 71 -20.54 -15.35 -1.72
N SER B 72 -21.79 -15.70 -1.99
CA SER B 72 -22.66 -14.86 -2.80
C SER B 72 -22.82 -13.45 -2.24
N GLU B 73 -22.81 -13.32 -0.92
CA GLU B 73 -22.97 -12.03 -0.28
C GLU B 73 -21.69 -11.21 -0.41
N LYS B 74 -20.57 -11.78 -0.01
CA LYS B 74 -19.30 -11.08 -0.09
C LYS B 74 -19.04 -10.64 -1.53
N ARG B 75 -19.29 -11.50 -2.50
CA ARG B 75 -19.03 -11.11 -3.88
C ARG B 75 -19.87 -9.87 -4.21
N GLU B 76 -21.13 -9.88 -3.82
CA GLU B 76 -21.99 -8.74 -4.12
C GLU B 76 -21.50 -7.46 -3.42
N GLU B 77 -21.10 -7.59 -2.16
CA GLU B 77 -20.57 -6.45 -1.43
C GLU B 77 -19.35 -5.88 -2.15
N MSE B 78 -18.45 -6.77 -2.57
CA MSE B 78 -17.22 -6.34 -3.23
C MSE B 78 -17.55 -5.65 -4.53
O MSE B 78 -16.88 -4.67 -4.92
CB MSE B 78 -16.26 -7.54 -3.49
CG MSE B 78 -15.42 -7.90 -2.26
SE MSE B 78 -15.25 -6.37 -1.06
CE MSE B 78 -14.63 -7.26 0.57
N LYS B 79 -18.57 -6.14 -5.22
CA LYS B 79 -19.00 -5.52 -6.45
C LYS B 79 -19.55 -4.10 -6.23
N LYS B 80 -20.39 -3.91 -5.22
CA LYS B 80 -20.88 -2.58 -4.88
C LYS B 80 -19.71 -1.61 -4.58
N VAL B 81 -18.74 -2.06 -3.79
CA VAL B 81 -17.53 -1.27 -3.51
C VAL B 81 -16.91 -0.82 -4.83
N SER B 82 -16.79 -1.73 -5.78
CA SER B 82 -16.16 -1.37 -7.05
C SER B 82 -16.96 -0.37 -7.85
N MSE B 83 -18.28 -0.49 -7.80
CA MSE B 83 -19.14 0.36 -8.54
C MSE B 83 -19.02 1.74 -7.91
O MSE B 83 -19.03 2.76 -8.61
CB MSE B 83 -20.57 -0.14 -8.44
CG MSE B 83 -20.74 -1.60 -8.78
SE MSE B 83 -22.64 -2.05 -9.06
CE MSE B 83 -23.45 -1.15 -7.54
N GLY B 84 -18.88 1.77 -6.59
CA GLY B 84 -18.73 3.01 -5.84
C GLY B 84 -17.44 3.76 -6.17
N LEU B 85 -16.37 3.01 -6.41
CA LEU B 85 -15.06 3.59 -6.72
C LEU B 85 -14.85 3.97 -8.17
N GLN B 86 -15.60 3.36 -9.08
CA GLN B 86 -15.30 3.54 -10.50
C GLN B 86 -15.29 5.04 -10.94
N PRO B 87 -16.25 5.83 -10.45
CA PRO B 87 -16.21 7.27 -10.82
C PRO B 87 -14.92 8.00 -10.37
N TYR B 88 -14.37 7.61 -9.23
CA TYR B 88 -13.12 8.24 -8.80
C TYR B 88 -12.00 7.83 -9.71
N PHE B 89 -11.95 6.55 -10.06
CA PHE B 89 -10.89 6.06 -10.94
C PHE B 89 -10.97 6.70 -12.31
N ASP B 90 -12.17 6.79 -12.84
CA ASP B 90 -12.43 7.43 -14.12
C ASP B 90 -11.90 8.84 -14.08
N LYS B 91 -12.21 9.58 -13.01
CA LYS B 91 -11.80 10.96 -12.91
C LYS B 91 -10.27 11.06 -12.83
N LEU B 92 -9.64 10.20 -12.05
CA LEU B 92 -8.20 10.26 -11.91
C LEU B 92 -7.50 9.76 -13.19
N ASN B 93 -8.19 8.95 -13.99
CA ASN B 93 -7.62 8.47 -15.25
C ASN B 93 -7.87 9.45 -16.41
N GLY B 94 -8.52 10.57 -16.11
CA GLY B 94 -8.83 11.57 -17.11
C GLY B 94 -9.91 11.08 -18.05
N HIS B 95 -10.82 10.27 -17.57
CA HIS B 95 -11.83 9.73 -18.46
C HIS B 95 -13.19 10.26 -18.05
N LYS B 96 -14.16 10.14 -18.97
CA LYS B 96 -15.56 10.39 -18.62
C LYS B 96 -15.98 9.36 -17.59
N SER B 97 -17.07 9.61 -16.88
CA SER B 97 -17.58 8.68 -15.90
C SER B 97 -18.27 7.50 -16.57
N SER B 98 -17.70 6.30 -16.47
CA SER B 98 -18.36 5.11 -17.02
C SER B 98 -19.77 4.92 -16.44
N LYS B 99 -19.96 5.20 -15.15
CA LYS B 99 -21.28 5.09 -14.55
C LYS B 99 -22.30 6.01 -15.24
N GLU B 100 -21.82 7.08 -15.86
CA GLU B 100 -22.72 7.99 -16.57
C GLU B 100 -22.92 7.61 -18.02
N VAL B 101 -21.84 7.30 -18.72
CA VAL B 101 -21.93 6.94 -20.14
C VAL B 101 -22.63 5.59 -20.41
N LEU B 102 -22.47 4.62 -19.51
CA LEU B 102 -23.02 3.29 -19.78
C LEU B 102 -24.42 3.18 -19.23
N THR B 103 -25.25 2.35 -19.86
CA THR B 103 -26.57 2.04 -19.33
C THR B 103 -26.37 1.27 -18.03
N GLN B 104 -27.41 1.14 -17.22
CA GLN B 104 -27.30 0.37 -15.99
C GLN B 104 -26.83 -1.06 -16.28
N GLU B 105 -27.49 -1.73 -17.22
CA GLU B 105 -27.08 -3.06 -17.65
C GLU B 105 -25.61 -3.13 -17.98
N GLU B 106 -25.18 -2.25 -18.87
CA GLU B 106 -23.79 -2.22 -19.31
C GLU B 106 -22.81 -1.93 -18.18
N PHE B 107 -23.21 -1.11 -17.22
CA PHE B 107 -22.32 -0.76 -16.13
C PHE B 107 -22.06 -2.01 -15.30
N ASP B 108 -23.11 -2.78 -15.06
CA ASP B 108 -23.00 -4.07 -14.39
C ASP B 108 -22.04 -5.01 -15.14
N ARG B 109 -22.27 -5.20 -16.44
CA ARG B 109 -21.40 -6.03 -17.27
C ARG B 109 -19.96 -5.58 -17.18
N TYR B 110 -19.77 -4.27 -17.09
CA TYR B 110 -18.45 -3.68 -16.98
C TYR B 110 -17.77 -4.12 -15.66
N MSE B 111 -18.53 -4.15 -14.57
CA MSE B 111 -17.98 -4.52 -13.29
C MSE B 111 -17.60 -6.01 -13.35
O MSE B 111 -16.53 -6.42 -12.86
CB MSE B 111 -18.95 -4.26 -12.14
CG MSE B 111 -19.26 -2.79 -11.82
SE MSE B 111 -17.69 -1.69 -11.39
CE MSE B 111 -17.23 -1.04 -13.18
N GLU B 112 -18.46 -6.81 -13.98
CA GLU B 112 -18.20 -8.24 -14.16
C GLU B 112 -16.93 -8.45 -14.97
N ALA B 113 -16.74 -7.64 -16.01
CA ALA B 113 -15.59 -7.82 -16.88
C ALA B 113 -14.34 -7.48 -16.11
N LEU B 114 -14.41 -6.43 -15.28
CA LEU B 114 -13.26 -6.10 -14.46
C LEU B 114 -12.96 -7.22 -13.46
N MSE B 115 -13.98 -7.80 -12.86
CA MSE B 115 -13.74 -8.92 -11.93
C MSE B 115 -13.16 -10.14 -12.63
O MSE B 115 -12.26 -10.79 -12.10
CB MSE B 115 -15.00 -9.29 -11.17
CG MSE B 115 -15.51 -8.07 -10.39
SE MSE B 115 -17.28 -8.27 -9.68
CE MSE B 115 -16.83 -9.11 -7.99
N THR B 116 -13.66 -10.43 -13.83
CA THR B 116 -13.15 -11.55 -14.63
C THR B 116 -11.67 -11.36 -14.86
N HIS B 117 -11.30 -10.17 -15.33
CA HIS B 117 -9.90 -9.86 -15.55
C HIS B 117 -9.04 -10.13 -14.30
N GLU B 118 -9.50 -9.66 -13.14
CA GLU B 118 -8.79 -9.89 -11.88
C GLU B 118 -8.69 -11.36 -11.51
N ILE B 119 -9.81 -12.08 -11.65
CA ILE B 119 -9.84 -13.53 -11.46
C ILE B 119 -8.81 -14.22 -12.36
N VAL B 120 -8.73 -13.77 -13.61
CA VAL B 120 -7.76 -14.38 -14.51
C VAL B 120 -6.30 -14.07 -14.12
N ARG B 121 -6.07 -12.89 -13.54
CA ARG B 121 -4.73 -12.63 -13.01
C ARG B 121 -4.38 -13.61 -11.87
N VAL B 122 -5.38 -14.04 -11.13
CA VAL B 122 -5.12 -15.00 -10.08
C VAL B 122 -4.77 -16.34 -10.70
N LYS B 123 -5.62 -16.81 -11.62
CA LYS B 123 -5.44 -18.10 -12.28
C LYS B 123 -4.12 -18.17 -13.04
N THR B 124 -3.68 -17.06 -13.65
CA THR B 124 -2.43 -17.14 -14.39
C THR B 124 -1.26 -16.73 -13.54
N LYS B 125 -1.57 -16.27 -12.32
CA LYS B 125 -0.54 -15.72 -11.46
C LYS B 125 0.33 -14.67 -12.18
N SER B 126 -0.27 -13.87 -13.05
CA SER B 126 0.51 -12.93 -13.84
C SER B 126 0.07 -11.47 -13.64
N THR B 127 1.04 -10.63 -13.36
CA THR B 127 0.78 -9.21 -13.14
C THR B 127 0.95 -8.41 -14.43
N GLY B 128 1.54 -9.04 -15.45
CA GLY B 128 1.80 -8.37 -16.71
C GLY B 128 0.63 -8.50 -17.68
N ALA B 129 0.95 -8.51 -18.97
CA ALA B 129 -0.07 -8.72 -19.98
C ALA B 129 -0.40 -10.20 -20.08
N ILE B 130 -1.60 -10.54 -19.66
CA ILE B 130 -2.07 -11.91 -19.70
C ILE B 130 -1.99 -12.45 -21.13
N LYS B 131 -1.60 -13.71 -21.27
CA LYS B 131 -1.54 -14.36 -22.57
C LYS B 131 -2.49 -15.53 -22.54
N VAL B 132 -3.43 -15.59 -23.49
CA VAL B 132 -4.54 -16.54 -23.40
C VAL B 132 -4.09 -18.01 -23.30
N GLU B 133 -2.87 -18.27 -23.76
CA GLU B 133 -2.33 -19.62 -23.69
C GLU B 133 -2.29 -20.12 -22.25
N GLU B 134 -1.87 -19.25 -21.34
CA GLU B 134 -1.65 -19.64 -19.95
C GLU B 134 -2.96 -19.74 -19.15
N ILE B 135 -4.04 -19.23 -19.73
CA ILE B 135 -5.33 -19.17 -19.04
C ILE B 135 -5.96 -20.55 -18.99
N PRO B 136 -6.34 -21.02 -17.80
CA PRO B 136 -7.01 -22.31 -17.74
C PRO B 136 -8.24 -22.31 -18.63
N GLU B 137 -8.55 -23.46 -19.21
CA GLU B 137 -9.65 -23.54 -20.16
C GLU B 137 -11.00 -23.05 -19.61
N ALA B 138 -11.24 -23.19 -18.32
CA ALA B 138 -12.51 -22.75 -17.75
C ALA B 138 -12.72 -21.22 -17.94
N TYR B 139 -11.65 -20.47 -18.13
CA TYR B 139 -11.73 -19.00 -18.13
C TYR B 139 -11.41 -18.35 -19.49
N LYS B 140 -11.06 -19.14 -20.49
CA LYS B 140 -10.59 -18.58 -21.76
C LYS B 140 -11.63 -17.76 -22.52
N GLU B 141 -12.82 -18.32 -22.74
CA GLU B 141 -13.90 -17.63 -23.46
C GLU B 141 -14.35 -16.42 -22.64
N ARG B 142 -14.51 -16.66 -21.35
CA ARG B 142 -14.99 -15.62 -20.44
C ARG B 142 -14.06 -14.41 -20.50
N PHE B 143 -12.76 -14.68 -20.43
CA PHE B 143 -11.77 -13.65 -20.51
C PHE B 143 -11.83 -12.89 -21.83
N ILE B 144 -11.84 -13.63 -22.95
CA ILE B 144 -11.86 -13.02 -24.28
C ILE B 144 -13.03 -12.04 -24.45
N LYS B 145 -14.22 -12.49 -24.05
CA LYS B 145 -15.35 -11.60 -24.02
C LYS B 145 -15.18 -10.41 -23.08
N ALA B 146 -14.73 -10.66 -21.85
CA ALA B 146 -14.49 -9.57 -20.91
C ALA B 146 -13.55 -8.52 -21.52
N GLU B 147 -12.51 -8.99 -22.21
CA GLU B 147 -11.56 -8.07 -22.81
C GLU B 147 -12.23 -7.24 -23.90
N GLN B 148 -13.01 -7.89 -24.75
CA GLN B 148 -13.73 -7.19 -25.79
C GLN B 148 -14.65 -6.12 -25.21
N PHE B 149 -15.42 -6.46 -24.18
CA PHE B 149 -16.35 -5.51 -23.61
C PHE B 149 -15.62 -4.31 -22.96
N MSE B 150 -14.43 -4.55 -22.44
CA MSE B 150 -13.65 -3.49 -21.82
C MSE B 150 -13.12 -2.47 -22.83
O MSE B 150 -13.04 -1.28 -22.53
CB MSE B 150 -12.51 -4.04 -20.96
CG MSE B 150 -12.97 -4.41 -19.56
SE MSE B 150 -11.86 -5.74 -18.65
CE MSE B 150 -10.26 -4.69 -18.40
N GLU B 151 -12.79 -2.93 -24.02
CA GLU B 151 -12.32 -2.03 -25.07
C GLU B 151 -13.45 -1.18 -25.59
N TYR B 152 -14.64 -1.76 -25.64
CA TYR B 152 -15.84 -1.03 -26.03
C TYR B 152 -16.18 0.05 -25.00
N VAL B 153 -16.10 -0.29 -23.73
CA VAL B 153 -16.32 0.70 -22.67
C VAL B 153 -15.24 1.77 -22.76
N ASP B 154 -14.01 1.33 -22.99
CA ASP B 154 -12.87 2.22 -23.13
C ASP B 154 -13.08 3.26 -24.22
N GLU B 155 -13.61 2.85 -25.37
CA GLU B 155 -13.85 3.79 -26.46
C GLU B 155 -14.90 4.84 -26.07
N LYS B 156 -15.84 4.47 -25.21
CA LYS B 156 -16.89 5.39 -24.82
C LYS B 156 -16.54 6.41 -23.72
N VAL B 157 -15.39 6.28 -23.08
CA VAL B 157 -15.04 7.17 -21.97
C VAL B 157 -13.70 7.92 -22.10
N ARG B 158 -12.81 7.49 -22.99
CA ARG B 158 -11.51 8.15 -23.08
C ARG B 158 -11.61 9.56 -23.67
NI NI C . -7.02 7.15 -21.26
NI NI D . 21.90 -5.95 6.17
#